data_1II5
#
_entry.id   1II5
#
_cell.length_a   97.866
_cell.length_b   49.706
_cell.length_c   55.572
_cell.angle_alpha   90.0
_cell.angle_beta   116.84
_cell.angle_gamma   90.0
#
_symmetry.space_group_name_H-M   'C 1 2 1'
#
loop_
_entity.id
_entity.type
_entity.pdbx_description
1 polymer 'Slr1257 protein'
2 non-polymer 'GLUTAMIC ACID'
3 water water
#
_entity_poly.entity_id   1
_entity_poly.type   'polypeptide(L)'
_entity_poly.pdbx_seq_one_letter_code
;GSAMALKVGVVGNPPFVFYGEGKNAAFTGISLDVWRAVAESQKWNSEYVRQNSISAGITAVAEGELDILIGPISVTPERA
AIEGITFTQPYFSSGIGLLIPGTATPLFRSVGDLKNKEVAVVRDTTAVDWANFYQADVRETNNLTAAITLLQKKQVEAVM
FDRPALIYYTRQNPNLNLEVTEIRVSLEPYGFVLKENSPLQKTINVEMLNLLYSRVIAEFTERWLGPGIEENQ
;
_entity_poly.pdbx_strand_id   A
#
# COMPACT_ATOMS: atom_id res chain seq x y z
N GLY A 1 -9.47 2.53 -29.17
CA GLY A 1 -10.85 2.87 -28.75
C GLY A 1 -10.96 4.35 -28.43
N SER A 2 -12.02 4.98 -28.89
CA SER A 2 -12.24 6.40 -28.63
C SER A 2 -13.21 6.65 -27.47
N ALA A 3 -13.46 5.62 -26.67
CA ALA A 3 -14.37 5.73 -25.53
C ALA A 3 -13.81 6.59 -24.41
N MET A 4 -14.70 7.23 -23.66
CA MET A 4 -14.32 8.08 -22.53
C MET A 4 -13.41 7.32 -21.58
N ALA A 5 -12.33 7.98 -21.16
CA ALA A 5 -11.37 7.37 -20.26
C ALA A 5 -11.86 7.32 -18.83
N LEU A 6 -11.51 6.24 -18.13
CA LEU A 6 -11.84 6.09 -16.72
C LEU A 6 -10.81 6.91 -15.94
N LYS A 7 -11.26 7.63 -14.92
CA LYS A 7 -10.39 8.44 -14.09
C LYS A 7 -9.82 7.56 -12.97
N VAL A 8 -8.55 7.24 -13.10
CA VAL A 8 -7.86 6.37 -12.15
C VAL A 8 -6.94 7.09 -11.17
N GLY A 9 -7.34 7.11 -9.90
CA GLY A 9 -6.53 7.73 -8.85
C GLY A 9 -5.44 6.75 -8.47
N VAL A 10 -4.22 7.25 -8.28
CA VAL A 10 -3.10 6.39 -7.92
C VAL A 10 -2.45 6.86 -6.61
N VAL A 11 -2.25 5.93 -5.69
CA VAL A 11 -1.64 6.25 -4.41
C VAL A 11 -0.81 5.04 -3.95
N GLY A 12 0.20 5.27 -3.12
CA GLY A 12 1.02 4.17 -2.65
C GLY A 12 2.50 4.34 -2.91
N ASN A 13 3.28 3.36 -2.46
CA ASN A 13 4.74 3.38 -2.58
C ASN A 13 5.29 2.13 -3.26
N PRO A 14 6.58 2.16 -3.64
CA PRO A 14 7.24 1.02 -4.30
C PRO A 14 7.20 -0.20 -3.37
N PRO A 15 7.15 -1.42 -3.94
CA PRO A 15 7.16 -1.69 -5.38
C PRO A 15 5.77 -1.72 -6.04
N PHE A 16 4.74 -1.32 -5.29
CA PHE A 16 3.39 -1.33 -5.82
C PHE A 16 3.08 -0.14 -6.72
N VAL A 17 3.64 1.01 -6.38
CA VAL A 17 3.44 2.23 -7.16
C VAL A 17 4.74 3.05 -7.18
N PHE A 18 5.13 3.48 -8.37
CA PHE A 18 6.31 4.31 -8.58
C PHE A 18 5.82 5.52 -9.37
N TYR A 19 6.38 6.70 -9.10
CA TYR A 19 5.99 7.93 -9.78
C TYR A 19 7.10 8.47 -10.66
N GLY A 20 6.88 8.38 -11.97
CA GLY A 20 7.87 8.84 -12.93
C GLY A 20 7.81 10.34 -13.13
N ALA A 26 5.23 7.65 -16.09
CA ALA A 26 4.45 8.48 -15.11
C ALA A 26 4.04 7.63 -13.90
N PHE A 27 3.50 6.44 -14.16
CA PHE A 27 3.07 5.53 -13.09
C PHE A 27 3.43 4.10 -13.46
N THR A 28 4.12 3.40 -12.56
CA THR A 28 4.53 2.01 -12.77
C THR A 28 4.42 1.25 -11.44
N GLY A 29 4.69 -0.06 -11.47
CA GLY A 29 4.62 -0.86 -10.26
C GLY A 29 3.59 -1.98 -10.33
N ILE A 30 3.60 -2.85 -9.34
CA ILE A 30 2.69 -3.99 -9.28
C ILE A 30 1.22 -3.59 -9.42
N SER A 31 0.79 -2.57 -8.68
CA SER A 31 -0.59 -2.11 -8.74
C SER A 31 -0.96 -1.63 -10.13
N LEU A 32 -0.03 -0.93 -10.79
CA LEU A 32 -0.27 -0.44 -12.15
C LEU A 32 -0.32 -1.58 -13.14
N ASP A 33 0.50 -2.62 -12.92
CA ASP A 33 0.50 -3.79 -13.79
C ASP A 33 -0.85 -4.52 -13.70
N VAL A 34 -1.40 -4.62 -12.48
CA VAL A 34 -2.68 -5.27 -12.26
C VAL A 34 -3.79 -4.48 -12.95
N TRP A 35 -3.81 -3.17 -12.70
CA TRP A 35 -4.83 -2.33 -13.32
C TRP A 35 -4.74 -2.33 -14.85
N ARG A 36 -3.54 -2.16 -15.39
CA ARG A 36 -3.37 -2.15 -16.84
C ARG A 36 -3.82 -3.44 -17.50
N ALA A 37 -3.57 -4.58 -16.85
CA ALA A 37 -3.98 -5.86 -17.41
C ALA A 37 -5.52 -5.88 -17.46
N VAL A 38 -6.17 -5.36 -16.43
CA VAL A 38 -7.63 -5.31 -16.38
C VAL A 38 -8.15 -4.40 -17.50
N ALA A 39 -7.62 -3.18 -17.55
CA ALA A 39 -8.05 -2.22 -18.57
C ALA A 39 -7.83 -2.71 -20.00
N GLU A 40 -6.67 -3.33 -20.25
CA GLU A 40 -6.35 -3.85 -21.59
C GLU A 40 -7.30 -4.97 -22.01
N SER A 41 -7.66 -5.83 -21.06
CA SER A 41 -8.56 -6.94 -21.37
C SER A 41 -9.94 -6.44 -21.78
N GLN A 42 -10.27 -5.21 -21.38
CA GLN A 42 -11.55 -4.62 -21.71
C GLN A 42 -11.42 -3.52 -22.77
N LYS A 43 -10.19 -3.26 -23.20
CA LYS A 43 -9.89 -2.22 -24.19
C LYS A 43 -10.35 -0.85 -23.67
N TRP A 44 -10.16 -0.63 -22.37
CA TRP A 44 -10.53 0.61 -21.70
C TRP A 44 -9.39 1.62 -21.76
N ASN A 45 -9.76 2.90 -21.76
CA ASN A 45 -8.81 4.02 -21.76
C ASN A 45 -8.73 4.52 -20.32
N SER A 46 -7.55 4.97 -19.90
CA SER A 46 -7.36 5.46 -18.54
C SER A 46 -6.74 6.85 -18.52
N GLU A 47 -7.01 7.56 -17.43
CA GLU A 47 -6.47 8.90 -17.18
C GLU A 47 -6.04 8.82 -15.71
N TYR A 48 -4.73 8.79 -15.49
CA TYR A 48 -4.19 8.67 -14.14
C TYR A 48 -3.98 9.99 -13.41
N VAL A 49 -4.36 9.99 -12.13
CA VAL A 49 -4.26 11.17 -11.29
C VAL A 49 -3.70 10.76 -9.93
N ARG A 50 -2.51 11.24 -9.62
CA ARG A 50 -1.87 10.94 -8.35
C ARG A 50 -2.69 11.55 -7.20
N GLN A 51 -2.90 10.76 -6.15
CA GLN A 51 -3.66 11.20 -4.99
C GLN A 51 -2.71 11.47 -3.84
N ASN A 52 -3.02 12.48 -3.04
CA ASN A 52 -2.21 12.86 -1.90
C ASN A 52 -2.18 11.79 -0.81
N SER A 53 -3.32 11.13 -0.60
CA SER A 53 -3.42 10.09 0.42
C SER A 53 -4.57 9.14 0.07
N ILE A 54 -4.65 8.02 0.78
CA ILE A 54 -5.70 7.04 0.54
C ILE A 54 -7.05 7.65 0.91
N SER A 55 -7.11 8.39 2.01
CA SER A 55 -8.36 9.02 2.43
C SER A 55 -8.87 10.01 1.39
N ALA A 56 -7.99 10.85 0.87
CA ALA A 56 -8.35 11.82 -0.15
C ALA A 56 -8.85 11.10 -1.38
N GLY A 57 -8.16 10.02 -1.76
CA GLY A 57 -8.54 9.23 -2.92
C GLY A 57 -9.90 8.57 -2.76
N ILE A 58 -10.17 8.02 -1.57
CA ILE A 58 -11.44 7.37 -1.34
C ILE A 58 -12.60 8.38 -1.44
N THR A 59 -12.39 9.58 -0.91
CA THR A 59 -13.41 10.62 -0.97
C THR A 59 -13.65 11.02 -2.41
N ALA A 60 -12.59 11.09 -3.21
CA ALA A 60 -12.72 11.45 -4.61
C ALA A 60 -13.54 10.39 -5.36
N VAL A 61 -13.43 9.12 -4.96
CA VAL A 61 -14.20 8.07 -5.61
C VAL A 61 -15.67 8.19 -5.19
N ALA A 62 -15.90 8.43 -3.90
CA ALA A 62 -17.26 8.57 -3.36
C ALA A 62 -17.97 9.79 -3.96
N GLU A 63 -17.21 10.85 -4.18
CA GLU A 63 -17.74 12.10 -4.73
C GLU A 63 -17.82 12.08 -6.27
N GLY A 64 -17.44 10.97 -6.88
CA GLY A 64 -17.49 10.86 -8.32
C GLY A 64 -16.37 11.51 -9.12
N GLU A 65 -15.37 12.05 -8.45
CA GLU A 65 -14.22 12.67 -9.12
C GLU A 65 -13.30 11.65 -9.76
N LEU A 66 -13.32 10.44 -9.21
CA LEU A 66 -12.53 9.33 -9.72
C LEU A 66 -13.45 8.13 -9.93
N ASP A 67 -13.13 7.30 -10.90
CA ASP A 67 -13.90 6.09 -11.16
C ASP A 67 -13.36 4.94 -10.32
N ILE A 68 -12.07 5.00 -10.03
CA ILE A 68 -11.42 3.96 -9.22
C ILE A 68 -10.12 4.49 -8.61
N LEU A 69 -9.79 3.95 -7.43
CA LEU A 69 -8.57 4.31 -6.72
C LEU A 69 -7.73 3.02 -6.69
N ILE A 70 -6.55 3.05 -7.28
CA ILE A 70 -5.68 1.87 -7.30
C ILE A 70 -4.41 2.08 -6.48
N GLY A 71 -3.81 0.97 -6.06
CA GLY A 71 -2.59 1.03 -5.28
C GLY A 71 -2.65 -0.05 -4.21
N PRO A 72 -1.64 -0.11 -3.31
CA PRO A 72 -1.56 -1.09 -2.22
C PRO A 72 -2.45 -0.61 -1.08
N ILE A 73 -3.75 -0.55 -1.35
CA ILE A 73 -4.74 -0.06 -0.38
C ILE A 73 -5.28 -1.17 0.53
N SER A 74 -4.89 -1.13 1.80
CA SER A 74 -5.34 -2.12 2.78
C SER A 74 -6.86 -2.06 2.95
N VAL A 75 -7.51 -3.22 2.90
CA VAL A 75 -8.95 -3.32 3.08
C VAL A 75 -9.17 -3.41 4.58
N THR A 76 -9.67 -2.33 5.18
CA THR A 76 -9.92 -2.29 6.61
C THR A 76 -11.38 -1.99 6.89
N PRO A 77 -11.87 -2.34 8.09
CA PRO A 77 -13.26 -2.11 8.52
C PRO A 77 -13.65 -0.63 8.43
N GLU A 78 -12.74 0.24 8.88
CA GLU A 78 -12.96 1.69 8.87
C GLU A 78 -13.09 2.23 7.45
N ARG A 79 -12.30 1.71 6.52
CA ARG A 79 -12.38 2.16 5.14
C ARG A 79 -13.62 1.60 4.43
N ALA A 80 -13.93 0.34 4.71
CA ALA A 80 -15.07 -0.32 4.10
C ALA A 80 -16.37 0.34 4.58
N ALA A 81 -16.31 1.03 5.72
CA ALA A 81 -17.47 1.71 6.29
C ALA A 81 -17.74 3.09 5.68
N ILE A 82 -16.80 3.60 4.89
CA ILE A 82 -16.96 4.91 4.26
C ILE A 82 -18.13 4.87 3.28
N GLU A 83 -19.07 5.80 3.43
CA GLU A 83 -20.24 5.87 2.56
C GLU A 83 -19.92 6.14 1.09
N GLY A 84 -20.60 5.42 0.22
CA GLY A 84 -20.42 5.62 -1.20
C GLY A 84 -19.33 4.84 -1.90
N ILE A 85 -18.58 4.01 -1.17
CA ILE A 85 -17.53 3.23 -1.82
C ILE A 85 -17.63 1.73 -1.50
N THR A 86 -16.91 0.93 -2.28
CA THR A 86 -16.87 -0.50 -2.10
C THR A 86 -15.50 -0.99 -2.61
N PHE A 87 -14.91 -1.93 -1.90
CA PHE A 87 -13.62 -2.48 -2.32
C PHE A 87 -13.81 -3.63 -3.32
N THR A 88 -12.83 -3.82 -4.19
CA THR A 88 -12.86 -4.93 -5.11
C THR A 88 -12.36 -6.12 -4.27
N GLN A 89 -12.36 -7.31 -4.85
CA GLN A 89 -11.82 -8.48 -4.18
C GLN A 89 -10.33 -8.17 -4.02
N PRO A 90 -9.71 -8.60 -2.91
CA PRO A 90 -8.28 -8.32 -2.76
C PRO A 90 -7.40 -9.07 -3.78
N TYR A 91 -6.28 -8.45 -4.16
CA TYR A 91 -5.37 -9.04 -5.15
C TYR A 91 -4.00 -9.36 -4.57
N PHE A 92 -3.79 -9.04 -3.30
CA PHE A 92 -2.50 -9.29 -2.65
C PHE A 92 -2.69 -9.34 -1.15
N SER A 93 -1.93 -10.23 -0.51
CA SER A 93 -1.98 -10.40 0.93
C SER A 93 -0.64 -9.87 1.45
N SER A 94 -0.68 -8.73 2.13
CA SER A 94 0.52 -8.11 2.64
C SER A 94 0.61 -8.14 4.14
N GLY A 95 1.76 -7.74 4.66
CA GLY A 95 1.97 -7.71 6.09
C GLY A 95 2.55 -6.37 6.46
N ILE A 96 2.25 -5.91 7.67
CA ILE A 96 2.79 -4.65 8.14
C ILE A 96 4.01 -5.04 8.99
N GLY A 97 5.17 -4.52 8.65
CA GLY A 97 6.37 -4.87 9.40
C GLY A 97 7.10 -3.72 10.05
N LEU A 98 8.36 -3.98 10.40
CA LEU A 98 9.22 -2.99 11.05
C LEU A 98 10.64 -2.97 10.50
N LEU A 99 11.15 -1.76 10.28
CA LEU A 99 12.50 -1.56 9.78
C LEU A 99 13.29 -1.01 10.97
N ILE A 100 14.40 -1.64 11.31
CA ILE A 100 15.23 -1.22 12.44
C ILE A 100 16.71 -1.31 12.12
N PRO A 101 17.57 -0.70 12.96
CA PRO A 101 19.02 -0.77 12.70
C PRO A 101 19.44 -2.21 12.97
N GLY A 102 20.46 -2.69 12.26
CA GLY A 102 20.93 -4.06 12.46
C GLY A 102 21.32 -4.41 13.88
N THR A 103 21.75 -3.42 14.65
CA THR A 103 22.16 -3.62 16.04
C THR A 103 20.99 -3.80 17.00
N ALA A 104 19.81 -3.36 16.59
CA ALA A 104 18.61 -3.43 17.43
C ALA A 104 17.78 -4.70 17.29
N THR A 105 18.25 -5.68 16.51
CA THR A 105 17.49 -6.93 16.33
C THR A 105 17.09 -7.67 17.60
N PRO A 106 17.94 -7.65 18.66
CA PRO A 106 17.57 -8.34 19.90
C PRO A 106 16.37 -7.69 20.61
N LEU A 107 16.19 -6.39 20.38
CA LEU A 107 15.11 -5.62 21.01
C LEU A 107 13.73 -5.80 20.42
N PHE A 108 13.63 -6.16 19.15
CA PHE A 108 12.33 -6.33 18.50
C PHE A 108 12.05 -7.78 18.11
N ARG A 109 11.42 -8.51 19.02
CA ARG A 109 11.11 -9.93 18.82
C ARG A 109 9.61 -10.21 18.76
N SER A 110 8.81 -9.25 19.17
CA SER A 110 7.35 -9.41 19.16
C SER A 110 6.67 -8.04 19.23
N VAL A 111 5.36 -8.02 18.99
CA VAL A 111 4.59 -6.78 19.02
C VAL A 111 4.59 -6.18 20.43
N GLY A 112 4.76 -7.03 21.43
CA GLY A 112 4.79 -6.57 22.81
C GLY A 112 5.99 -5.66 23.04
N ASP A 113 7.03 -5.83 22.24
CA ASP A 113 8.25 -5.02 22.35
C ASP A 113 8.09 -3.61 21.79
N LEU A 114 6.95 -3.36 21.14
CA LEU A 114 6.67 -2.05 20.55
C LEU A 114 6.27 -1.00 21.59
N LYS A 115 5.70 -1.47 22.69
CA LYS A 115 5.24 -0.60 23.78
C LYS A 115 6.32 0.36 24.26
N ASN A 116 6.03 1.66 24.14
CA ASN A 116 6.91 2.75 24.55
C ASN A 116 8.10 3.05 23.65
N LYS A 117 8.34 2.21 22.65
CA LYS A 117 9.44 2.44 21.73
C LYS A 117 9.05 3.54 20.74
N GLU A 118 10.00 4.41 20.42
CA GLU A 118 9.74 5.51 19.49
C GLU A 118 9.60 4.92 18.10
N VAL A 119 8.38 4.90 17.57
CA VAL A 119 8.14 4.35 16.24
C VAL A 119 7.68 5.40 15.23
N ALA A 120 8.35 5.44 14.08
CA ALA A 120 8.04 6.36 13.00
C ALA A 120 7.04 5.69 12.05
N VAL A 121 6.02 6.44 11.64
CA VAL A 121 4.99 5.92 10.72
C VAL A 121 4.65 7.00 9.70
N VAL A 122 4.17 6.58 8.54
CA VAL A 122 3.78 7.53 7.49
C VAL A 122 2.31 7.87 7.71
N ARG A 123 1.98 9.15 7.61
CA ARG A 123 0.61 9.59 7.83
C ARG A 123 -0.38 8.91 6.87
N ASP A 124 -1.60 8.71 7.36
CA ASP A 124 -2.70 8.08 6.62
C ASP A 124 -2.41 6.68 6.11
N THR A 125 -1.71 5.88 6.90
CA THR A 125 -1.47 4.49 6.52
C THR A 125 -1.97 3.71 7.71
N THR A 126 -2.27 2.44 7.49
CA THR A 126 -2.79 1.60 8.56
C THR A 126 -1.77 1.48 9.71
N ALA A 127 -0.49 1.68 9.39
CA ALA A 127 0.57 1.61 10.40
C ALA A 127 0.36 2.61 11.54
N VAL A 128 -0.24 3.76 11.25
CA VAL A 128 -0.50 4.76 12.28
C VAL A 128 -1.38 4.16 13.37
N ASP A 129 -2.44 3.46 12.95
CA ASP A 129 -3.38 2.84 13.87
C ASP A 129 -2.80 1.65 14.61
N TRP A 130 -1.98 0.85 13.93
CA TRP A 130 -1.36 -0.32 14.57
C TRP A 130 -0.33 0.12 15.62
N ALA A 131 0.42 1.18 15.31
CA ALA A 131 1.45 1.71 16.22
C ALA A 131 0.77 2.25 17.47
N ASN A 132 -0.37 2.90 17.29
CA ASN A 132 -1.13 3.44 18.43
C ASN A 132 -1.72 2.28 19.24
N PHE A 133 -2.23 1.27 18.55
CA PHE A 133 -2.82 0.11 19.21
C PHE A 133 -1.81 -0.65 20.07
N TYR A 134 -0.57 -0.74 19.58
CA TYR A 134 0.48 -1.43 20.32
C TYR A 134 1.22 -0.55 21.33
N GLN A 135 0.66 0.64 21.56
CA GLN A 135 1.18 1.61 22.51
C GLN A 135 2.59 2.13 22.32
N ALA A 136 2.99 2.27 21.06
CA ALA A 136 4.31 2.82 20.74
C ALA A 136 4.26 4.35 20.86
N ASP A 137 5.43 4.98 20.85
CA ASP A 137 5.55 6.43 20.90
C ASP A 137 5.56 6.85 19.42
N VAL A 138 4.36 6.99 18.87
CA VAL A 138 4.20 7.31 17.46
C VAL A 138 4.64 8.68 16.98
N ARG A 139 5.50 8.68 15.97
CA ARG A 139 5.99 9.91 15.35
C ARG A 139 5.56 9.88 13.87
N GLU A 140 4.53 10.64 13.53
CA GLU A 140 4.03 10.69 12.15
C GLU A 140 4.92 11.51 11.24
N THR A 141 5.09 11.02 10.01
CA THR A 141 5.91 11.68 9.00
C THR A 141 5.12 11.79 7.69
N ASN A 142 5.59 12.62 6.77
CA ASN A 142 4.89 12.82 5.49
C ASN A 142 5.05 11.73 4.45
N ASN A 143 6.15 11.00 4.51
CA ASN A 143 6.43 9.93 3.56
C ASN A 143 7.42 8.93 4.14
N LEU A 144 7.59 7.82 3.45
CA LEU A 144 8.48 6.76 3.91
C LEU A 144 9.95 7.23 4.01
N THR A 145 10.38 8.04 3.04
CA THR A 145 11.75 8.56 3.05
C THR A 145 11.99 9.36 4.31
N ALA A 146 11.01 10.18 4.68
CA ALA A 146 11.07 11.01 5.88
C ALA A 146 11.13 10.15 7.15
N ALA A 147 10.34 9.09 7.18
CA ALA A 147 10.31 8.18 8.32
C ALA A 147 11.66 7.48 8.47
N ILE A 148 12.23 7.06 7.34
CA ILE A 148 13.51 6.37 7.35
C ILE A 148 14.66 7.35 7.65
N THR A 149 14.52 8.61 7.23
CA THR A 149 15.54 9.62 7.50
C THR A 149 15.58 9.88 9.00
N LEU A 150 14.42 9.72 9.66
CA LEU A 150 14.30 9.92 11.10
C LEU A 150 14.95 8.75 11.83
N LEU A 151 15.01 7.60 11.16
CA LEU A 151 15.62 6.39 11.70
C LEU A 151 17.13 6.50 11.52
N GLN A 152 17.55 7.08 10.40
CA GLN A 152 18.97 7.26 10.10
C GLN A 152 19.57 8.26 11.08
N LYS A 153 18.74 9.22 11.51
CA LYS A 153 19.15 10.19 12.52
C LYS A 153 18.97 9.33 13.78
N LYS A 154 18.15 9.75 14.74
CA LYS A 154 17.97 8.90 15.91
C LYS A 154 16.67 9.15 16.67
N GLN A 155 15.82 10.02 16.12
CA GLN A 155 14.55 10.36 16.73
C GLN A 155 13.72 9.13 17.03
N VAL A 156 13.80 8.14 16.13
CA VAL A 156 13.04 6.90 16.29
C VAL A 156 13.93 5.66 16.35
N GLU A 157 13.37 4.59 16.91
CA GLU A 157 14.06 3.31 17.05
C GLU A 157 13.60 2.31 15.99
N ALA A 158 12.53 2.64 15.27
CA ALA A 158 11.98 1.77 14.23
C ALA A 158 11.00 2.50 13.34
N VAL A 159 10.73 1.91 12.17
CA VAL A 159 9.78 2.47 11.22
C VAL A 159 8.77 1.36 10.95
N MET A 160 7.49 1.64 11.16
CA MET A 160 6.44 0.66 10.92
C MET A 160 5.77 1.01 9.59
N PHE A 161 5.76 0.05 8.67
CA PHE A 161 5.18 0.24 7.35
C PHE A 161 5.02 -1.12 6.68
N ASP A 162 4.28 -1.15 5.57
CA ASP A 162 4.05 -2.36 4.81
C ASP A 162 5.37 -3.06 4.51
N ARG A 163 5.44 -4.35 4.84
CA ARG A 163 6.64 -5.15 4.63
C ARG A 163 7.27 -5.16 3.24
N PRO A 164 6.47 -5.31 2.16
CA PRO A 164 7.08 -5.31 0.82
C PRO A 164 7.80 -4.00 0.51
N ALA A 165 7.23 -2.89 0.93
CA ALA A 165 7.83 -1.58 0.69
C ALA A 165 9.13 -1.43 1.48
N LEU A 166 9.15 -1.95 2.71
CA LEU A 166 10.35 -1.88 3.55
C LEU A 166 11.47 -2.73 2.96
N ILE A 167 11.13 -3.93 2.51
CA ILE A 167 12.10 -4.83 1.90
C ILE A 167 12.65 -4.23 0.61
N TYR A 168 11.76 -3.64 -0.19
CA TYR A 168 12.20 -3.03 -1.43
C TYR A 168 13.21 -1.92 -1.13
N TYR A 169 12.92 -1.13 -0.11
CA TYR A 169 13.78 -0.02 0.29
C TYR A 169 15.18 -0.51 0.67
N THR A 170 15.23 -1.50 1.57
CA THR A 170 16.52 -2.04 1.99
C THR A 170 17.32 -2.55 0.79
N ARG A 171 16.62 -3.09 -0.21
CA ARG A 171 17.28 -3.60 -1.40
C ARG A 171 17.87 -2.54 -2.30
N GLN A 172 17.41 -1.29 -2.15
CA GLN A 172 17.94 -0.19 -2.96
C GLN A 172 19.06 0.50 -2.18
N ASN A 173 19.19 0.15 -0.89
CA ASN A 173 20.20 0.74 -0.02
C ASN A 173 20.88 -0.29 0.89
N PRO A 174 21.57 -1.29 0.30
CA PRO A 174 22.26 -2.34 1.08
C PRO A 174 23.34 -1.73 1.98
N ASN A 175 23.85 -0.58 1.56
CA ASN A 175 24.89 0.17 2.28
C ASN A 175 24.42 0.62 3.67
N LEU A 176 23.12 0.90 3.81
CA LEU A 176 22.55 1.37 5.06
C LEU A 176 22.58 0.44 6.26
N ASN A 177 22.56 -0.88 6.02
CA ASN A 177 22.61 -1.82 7.15
C ASN A 177 21.34 -1.77 8.01
N LEU A 178 20.20 -1.56 7.35
CA LEU A 178 18.92 -1.54 8.04
C LEU A 178 18.33 -2.94 7.84
N GLU A 179 17.51 -3.39 8.79
CA GLU A 179 16.92 -4.72 8.71
C GLU A 179 15.42 -4.72 8.95
N VAL A 180 14.72 -5.57 8.20
CA VAL A 180 13.29 -5.71 8.34
C VAL A 180 13.12 -6.92 9.26
N THR A 181 12.56 -6.68 10.44
CA THR A 181 12.37 -7.75 11.41
C THR A 181 11.43 -8.85 10.91
N GLU A 182 11.41 -9.97 11.64
CA GLU A 182 10.54 -11.08 11.29
C GLU A 182 9.15 -10.81 11.84
N ILE A 183 9.01 -9.76 12.65
CA ILE A 183 7.72 -9.38 13.25
C ILE A 183 6.70 -8.94 12.21
N ARG A 184 5.51 -9.51 12.30
CA ARG A 184 4.39 -9.17 11.42
C ARG A 184 3.36 -8.55 12.36
N VAL A 185 3.27 -7.22 12.34
CA VAL A 185 2.32 -6.51 13.18
C VAL A 185 0.89 -6.85 12.78
N SER A 186 0.70 -7.18 11.50
CA SER A 186 -0.61 -7.52 10.96
C SER A 186 -0.50 -8.10 9.56
N LEU A 187 -1.59 -8.74 9.12
CA LEU A 187 -1.70 -9.29 7.78
C LEU A 187 -2.90 -8.55 7.22
N GLU A 188 -2.71 -7.87 6.10
CA GLU A 188 -3.77 -7.09 5.49
C GLU A 188 -3.86 -7.33 4.00
N PRO A 189 -5.08 -7.44 3.46
CA PRO A 189 -5.28 -7.65 2.04
C PRO A 189 -5.30 -6.28 1.32
N TYR A 190 -4.81 -6.24 0.09
CA TYR A 190 -4.82 -5.01 -0.72
C TYR A 190 -5.94 -5.12 -1.75
N GLY A 191 -6.67 -4.03 -1.96
CA GLY A 191 -7.72 -4.03 -2.96
C GLY A 191 -7.80 -2.66 -3.61
N PHE A 192 -8.65 -2.53 -4.62
CA PHE A 192 -8.85 -1.25 -5.30
C PHE A 192 -10.19 -0.72 -4.78
N VAL A 193 -10.44 0.57 -4.92
CA VAL A 193 -11.69 1.16 -4.44
C VAL A 193 -12.54 1.70 -5.58
N LEU A 194 -13.80 1.29 -5.60
CA LEU A 194 -14.77 1.70 -6.60
C LEU A 194 -15.94 2.41 -5.92
N LYS A 195 -16.76 3.06 -6.74
CA LYS A 195 -17.95 3.74 -6.24
C LYS A 195 -18.91 2.60 -5.89
N GLU A 196 -19.67 2.73 -4.82
CA GLU A 196 -20.62 1.69 -4.43
C GLU A 196 -21.61 1.45 -5.58
N ASN A 197 -21.93 0.18 -5.81
CA ASN A 197 -22.86 -0.21 -6.87
C ASN A 197 -22.38 0.22 -8.27
N SER A 198 -21.07 0.29 -8.44
CA SER A 198 -20.48 0.67 -9.72
C SER A 198 -20.74 -0.37 -10.81
N PRO A 199 -21.11 0.09 -12.01
CA PRO A 199 -21.38 -0.82 -13.13
C PRO A 199 -20.11 -1.52 -13.63
N LEU A 200 -18.96 -1.12 -13.07
CA LEU A 200 -17.67 -1.70 -13.44
C LEU A 200 -17.23 -2.82 -12.50
N GLN A 201 -17.82 -2.85 -11.31
CA GLN A 201 -17.49 -3.81 -10.26
C GLN A 201 -17.33 -5.27 -10.66
N LYS A 202 -18.34 -5.86 -11.29
CA LYS A 202 -18.28 -7.26 -11.67
C LYS A 202 -17.17 -7.55 -12.67
N THR A 203 -17.04 -6.71 -13.69
CA THR A 203 -16.01 -6.89 -14.71
C THR A 203 -14.62 -6.83 -14.08
N ILE A 204 -14.41 -5.84 -13.21
CA ILE A 204 -13.13 -5.66 -12.55
C ILE A 204 -12.81 -6.84 -11.63
N ASN A 205 -13.77 -7.25 -10.82
CA ASN A 205 -13.56 -8.40 -9.92
C ASN A 205 -13.22 -9.66 -10.70
N VAL A 206 -13.99 -9.94 -11.75
CA VAL A 206 -13.75 -11.13 -12.55
C VAL A 206 -12.34 -11.13 -13.13
N GLU A 207 -11.92 -9.99 -13.69
CA GLU A 207 -10.59 -9.88 -14.27
C GLU A 207 -9.45 -9.97 -13.26
N MET A 208 -9.64 -9.35 -12.10
CA MET A 208 -8.61 -9.41 -11.06
C MET A 208 -8.48 -10.84 -10.55
N LEU A 209 -9.61 -11.54 -10.44
CA LEU A 209 -9.61 -12.93 -9.99
C LEU A 209 -8.92 -13.83 -11.03
N ASN A 210 -9.11 -13.54 -12.31
CA ASN A 210 -8.48 -14.30 -13.40
C ASN A 210 -6.97 -14.14 -13.30
N LEU A 211 -6.53 -12.89 -13.11
CA LEU A 211 -5.11 -12.57 -12.99
C LEU A 211 -4.51 -13.26 -11.77
N LEU A 212 -5.29 -13.32 -10.69
CA LEU A 212 -4.87 -13.94 -9.45
C LEU A 212 -4.69 -15.44 -9.60
N TYR A 213 -5.74 -16.14 -10.04
CA TYR A 213 -5.71 -17.59 -10.23
C TYR A 213 -4.77 -18.09 -11.31
N SER A 214 -4.52 -17.28 -12.33
CA SER A 214 -3.62 -17.68 -13.40
C SER A 214 -2.16 -17.41 -13.01
N ARG A 215 -1.96 -16.92 -11.78
CA ARG A 215 -0.64 -16.60 -11.23
C ARG A 215 0.04 -15.40 -11.91
N VAL A 216 -0.72 -14.63 -12.66
CA VAL A 216 -0.18 -13.44 -13.34
C VAL A 216 0.22 -12.37 -12.33
N ILE A 217 -0.58 -12.20 -11.28
CA ILE A 217 -0.25 -11.22 -10.24
C ILE A 217 1.04 -11.62 -9.54
N ALA A 218 1.23 -12.93 -9.35
CA ALA A 218 2.44 -13.45 -8.71
C ALA A 218 3.65 -13.11 -9.59
N GLU A 219 3.48 -13.20 -10.90
CA GLU A 219 4.55 -12.87 -11.84
C GLU A 219 4.92 -11.39 -11.74
N PHE A 220 3.90 -10.53 -11.63
CA PHE A 220 4.13 -9.08 -11.51
C PHE A 220 4.94 -8.81 -10.24
N THR A 221 4.53 -9.41 -9.14
CA THR A 221 5.21 -9.24 -7.85
C THR A 221 6.65 -9.74 -7.92
N GLU A 222 6.85 -10.90 -8.53
CA GLU A 222 8.19 -11.48 -8.66
C GLU A 222 9.11 -10.56 -9.48
N ARG A 223 8.53 -9.84 -10.45
CA ARG A 223 9.33 -8.93 -11.27
C ARG A 223 9.90 -7.75 -10.46
N TRP A 224 9.19 -7.33 -9.43
CA TRP A 224 9.63 -6.21 -8.60
C TRP A 224 10.23 -6.59 -7.25
N LEU A 225 10.00 -7.82 -6.80
CA LEU A 225 10.48 -8.23 -5.49
C LEU A 225 10.98 -9.68 -5.38
N GLY A 226 11.12 -10.36 -6.51
CA GLY A 226 11.60 -11.73 -6.49
C GLY A 226 13.11 -11.84 -6.39
N GLU B . -1.21 -0.47 2.72
CA GLU B . -1.08 0.89 3.30
C GLU B . -2.46 1.41 3.67
O GLU B . -3.44 0.93 3.06
CB GLU B . -0.41 1.84 2.30
CG GLU B . 0.95 1.36 1.84
CD GLU B . 1.63 2.31 0.87
OE1 GLU B . 1.38 3.53 0.91
OE2 GLU B . 2.45 1.82 0.05
OXT GLU B . -2.56 2.29 4.55
#